data_2C1I
#
_entry.id   2C1I
#
_cell.length_a   56.275
_cell.length_b   79.239
_cell.length_c   100.377
_cell.angle_alpha   90.00
_cell.angle_beta   90.00
_cell.angle_gamma   90.00
#
_symmetry.space_group_name_H-M   'P 21 21 21'
#
loop_
_entity.id
_entity.type
_entity.pdbx_description
1 polymer 'PEPTIDOGLYCAN GLCNAC DEACETYLASE'
2 non-polymer '2-(N-MORPHOLINO)-ETHANESULFONIC ACID'
3 non-polymer 'ZINC ION'
4 non-polymer 'SULFATE ION'
5 water water
#
_entity_poly.entity_id   1
_entity_poly.type   'polypeptide(L)'
_entity_poly.pdbx_seq_one_letter_code
;GPLGSFKIYQQKSFEQKIESLKKEKDDQLSEGNQKEHFRQGQAEVIAYYPLQGEKVISSVRELINQDVKDKLESKDNLVF
YYTEQEESGLKGVVNRNVTKQIYDLVAFKIEETEKTSLGKVHLTEDGQPFTLDQLFSDASKAKEQLIKELTSFIEDKKIE
QDQSEQIVKNFSDQDLSAWNFDYKDSQIILYPSPVVENLEEIALPVSAFFDVIQSSYLLEKDAALYQSYFDKKHQKVVAL
TFNDGPNPATTPQVLETLAKYDIKATFFVLGKNVSGNEDLVKRIKSEGHVVGNHSWSHPILSQLSLDEAKKQITDTEDVL
TKVLGSSSKLMRPPYGAITDDIRNSLDLSFIMWDVDSLDWKSKNEASILTEIQHQVANGSIVLMHDIHSPTVNALPRVIE
YLKNQGYTFVTIPEMLNTRLKAHELYYSRDE
;
_entity_poly.pdbx_strand_id   A
#
# COMPACT_ATOMS: atom_id res chain seq x y z
N PHE A 14 17.57 22.74 53.60
CA PHE A 14 17.76 22.52 52.13
C PHE A 14 18.44 21.17 51.83
N GLU A 15 19.58 20.94 52.48
CA GLU A 15 20.34 19.73 52.25
C GLU A 15 19.49 18.52 52.51
N GLN A 16 18.68 18.59 53.55
CA GLN A 16 17.76 17.53 53.92
C GLN A 16 16.66 17.33 52.86
N LYS A 17 16.29 18.42 52.19
CA LYS A 17 15.28 18.31 51.16
C LYS A 17 15.88 17.53 49.97
N ILE A 18 17.13 17.79 49.59
CA ILE A 18 17.83 17.11 48.50
C ILE A 18 17.94 15.61 48.89
N GLU A 19 18.31 15.33 50.15
CA GLU A 19 18.41 13.96 50.62
C GLU A 19 17.09 13.27 50.49
N SER A 20 15.98 13.96 50.76
CA SER A 20 14.65 13.32 50.67
C SER A 20 14.32 13.00 49.24
N LEU A 21 14.68 13.88 48.31
CA LEU A 21 14.44 13.59 46.87
C LEU A 21 15.22 12.34 46.43
N LYS A 22 16.48 12.25 46.85
CA LYS A 22 17.29 11.08 46.51
C LYS A 22 16.73 9.84 47.15
N LYS A 23 16.25 9.93 48.39
CA LYS A 23 15.69 8.76 49.05
C LYS A 23 14.39 8.33 48.33
N GLU A 24 13.56 9.29 47.95
CA GLU A 24 12.30 8.96 47.28
C GLU A 24 12.59 8.23 45.98
N LYS A 25 13.57 8.72 45.19
CA LYS A 25 13.88 8.07 43.93
C LYS A 25 14.46 6.69 44.13
N ASP A 26 15.30 6.47 45.16
CA ASP A 26 15.75 5.12 45.41
C ASP A 26 14.60 4.21 45.82
N ASP A 27 13.70 4.74 46.65
CA ASP A 27 12.59 3.91 47.07
C ASP A 27 11.74 3.52 45.86
N GLN A 28 11.57 4.43 44.89
CA GLN A 28 10.79 4.18 43.70
C GLN A 28 11.48 3.28 42.70
N LEU A 29 12.81 3.47 42.51
CA LEU A 29 13.47 2.97 41.33
C LEU A 29 14.66 2.07 41.56
N SER A 30 15.04 1.81 42.80
CA SER A 30 16.29 1.08 42.98
C SER A 30 16.27 -0.32 42.31
N GLU A 31 15.15 -1.01 42.39
CA GLU A 31 14.99 -2.39 41.92
C GLU A 31 14.98 -2.48 40.42
N GLY A 32 15.79 -3.38 39.88
CA GLY A 32 15.79 -3.61 38.42
C GLY A 32 16.58 -2.59 37.63
N ASN A 33 17.27 -1.70 38.34
CA ASN A 33 18.10 -0.65 37.76
C ASN A 33 19.47 -0.60 38.41
N GLN A 34 20.46 -0.06 37.71
CA GLN A 34 21.73 0.31 38.29
C GLN A 34 21.81 1.83 38.25
N LYS A 35 22.22 2.39 39.36
CA LYS A 35 22.21 3.85 39.55
C LYS A 35 23.59 4.44 39.27
N GLU A 36 23.63 5.38 38.36
CA GLU A 36 24.83 6.16 38.06
C GLU A 36 24.66 7.56 38.66
N HIS A 37 25.74 8.15 39.15
CA HIS A 37 25.69 9.46 39.77
C HIS A 37 26.94 10.22 39.38
N PHE A 38 26.78 11.49 38.98
CA PHE A 38 27.92 12.29 38.54
C PHE A 38 27.47 13.72 38.48
N ARG A 39 28.43 14.62 38.40
CA ARG A 39 28.12 16.00 38.12
C ARG A 39 28.62 16.35 36.72
N GLN A 40 27.85 17.17 36.04
CA GLN A 40 28.31 17.68 34.76
C GLN A 40 28.06 19.17 34.74
N GLY A 41 29.13 19.96 34.70
CA GLY A 41 28.99 21.37 34.93
C GLY A 41 28.43 21.59 36.33
N GLN A 42 27.44 22.47 36.44
CA GLN A 42 26.84 22.79 37.73
C GLN A 42 25.75 21.77 38.07
N ALA A 43 25.47 20.86 37.13
CA ALA A 43 24.34 19.93 37.34
C ALA A 43 24.76 18.67 38.08
N GLU A 44 23.96 18.23 39.02
CA GLU A 44 24.10 16.89 39.60
C GLU A 44 23.11 15.94 38.93
N VAL A 45 23.61 14.79 38.49
CA VAL A 45 22.79 13.86 37.70
C VAL A 45 22.76 12.46 38.37
N ILE A 46 21.56 11.87 38.41
CA ILE A 46 21.36 10.50 38.86
C ILE A 46 20.55 9.80 37.79
N ALA A 47 21.12 8.73 37.20
CA ALA A 47 20.48 7.98 36.13
C ALA A 47 20.25 6.55 36.61
N TYR A 48 19.03 6.05 36.42
CA TYR A 48 18.72 4.66 36.70
C TYR A 48 18.66 3.91 35.38
N TYR A 49 19.68 3.09 35.12
CA TYR A 49 19.75 2.33 33.87
C TYR A 49 19.10 0.99 34.11
N PRO A 50 18.19 0.57 33.23
CA PRO A 50 17.48 -0.65 33.44
C PRO A 50 18.33 -1.86 33.14
N LEU A 51 18.08 -2.91 33.91
CA LEU A 51 18.70 -4.22 33.72
C LEU A 51 17.78 -5.14 32.91
N GLN A 52 18.38 -6.00 32.10
CA GLN A 52 17.62 -7.10 31.51
C GLN A 52 18.39 -8.31 31.98
N GLY A 53 17.73 -9.09 32.86
CA GLY A 53 18.41 -10.00 33.77
C GLY A 53 19.35 -9.25 34.69
N GLU A 54 20.65 -9.45 34.45
CA GLU A 54 21.72 -8.92 35.28
C GLU A 54 22.64 -8.03 34.47
N LYS A 55 22.15 -7.57 33.31
CA LYS A 55 22.92 -6.76 32.38
C LYS A 55 22.22 -5.43 32.01
N VAL A 56 22.97 -4.32 32.08
CA VAL A 56 22.44 -3.01 31.66
C VAL A 56 22.05 -3.07 30.18
N ILE A 57 20.87 -2.54 29.85
CA ILE A 57 20.39 -2.50 28.48
C ILE A 57 21.17 -1.42 27.75
N SER A 58 22.08 -1.87 26.88
CA SER A 58 23.08 -0.96 26.35
C SER A 58 22.50 0.20 25.56
N SER A 59 21.48 -0.04 24.74
CA SER A 59 20.98 1.01 23.90
C SER A 59 20.18 2.06 24.73
N VAL A 60 19.68 1.72 25.92
CA VAL A 60 19.02 2.69 26.77
C VAL A 60 20.06 3.60 27.45
N ARG A 61 21.13 3.00 27.93
CA ARG A 61 22.25 3.75 28.52
C ARG A 61 22.77 4.76 27.47
N GLU A 62 22.92 4.31 26.21
CA GLU A 62 23.34 5.22 25.15
C GLU A 62 22.41 6.40 24.91
N LEU A 63 21.10 6.14 24.91
CA LEU A 63 20.19 7.24 24.68
C LEU A 63 20.30 8.29 25.80
N ILE A 64 20.39 7.81 27.04
CA ILE A 64 20.54 8.73 28.20
C ILE A 64 21.85 9.52 28.09
N ASN A 65 22.94 8.82 27.78
CA ASN A 65 24.24 9.48 27.67
C ASN A 65 24.26 10.54 26.57
N GLN A 66 23.53 10.27 25.49
CA GLN A 66 23.43 11.26 24.45
C GLN A 66 22.76 12.55 24.91
N ASP A 67 21.71 12.39 25.72
CA ASP A 67 21.02 13.55 26.23
C ASP A 67 21.94 14.33 27.19
N VAL A 68 22.66 13.60 28.03
CA VAL A 68 23.66 14.23 28.90
C VAL A 68 24.69 15.08 28.13
N LYS A 69 25.18 14.56 27.01
CA LYS A 69 26.17 15.32 26.21
C LYS A 69 25.63 16.57 25.57
N ASP A 70 24.41 16.49 25.07
CA ASP A 70 23.95 17.48 24.09
C ASP A 70 22.99 18.48 24.68
N LYS A 71 22.18 18.02 25.62
CA LYS A 71 21.00 18.76 26.03
C LYS A 71 20.99 19.10 27.51
N LEU A 72 21.90 18.50 28.26
CA LEU A 72 21.99 18.76 29.70
C LEU A 72 22.61 20.14 29.92
N GLU A 73 21.87 21.04 30.55
CA GLU A 73 22.35 22.41 30.75
C GLU A 73 23.12 22.54 32.06
N SER A 74 24.17 23.36 32.04
CA SER A 74 24.99 23.59 33.22
C SER A 74 24.35 24.61 34.15
N LYS A 75 23.23 24.21 34.75
CA LYS A 75 22.49 25.01 35.72
C LYS A 75 22.59 24.30 37.08
N ASP A 76 22.35 25.03 38.16
CA ASP A 76 22.35 24.47 39.50
C ASP A 76 21.06 23.69 39.68
N ASN A 77 21.09 22.47 39.16
CA ASN A 77 19.93 21.61 39.30
C ASN A 77 20.33 20.18 39.68
N LEU A 78 19.30 19.44 40.04
CA LEU A 78 19.41 17.99 40.28
C LEU A 78 18.55 17.29 39.21
N VAL A 79 19.17 16.43 38.37
CA VAL A 79 18.50 15.83 37.22
C VAL A 79 18.45 14.32 37.43
N PHE A 80 17.28 13.74 37.25
CA PHE A 80 17.11 12.29 37.25
C PHE A 80 16.69 11.80 35.89
N TYR A 81 17.27 10.67 35.49
CA TYR A 81 16.80 9.90 34.35
C TYR A 81 16.39 8.52 34.83
N TYR A 82 15.30 8.00 34.27
CA TYR A 82 14.88 6.64 34.54
C TYR A 82 13.96 6.16 33.44
N THR A 83 13.59 4.88 33.52
CA THR A 83 12.79 4.29 32.43
C THR A 83 11.69 3.40 32.96
N GLU A 84 10.76 3.09 32.06
CA GLU A 84 9.77 2.08 32.35
C GLU A 84 9.62 1.24 31.13
N GLN A 85 9.44 -0.05 31.31
CA GLN A 85 9.13 -0.94 30.22
C GLN A 85 7.63 -0.87 29.85
N GLU A 86 7.33 -0.91 28.58
CA GLU A 86 5.95 -0.99 28.13
C GLU A 86 5.90 -1.98 26.97
N GLU A 87 4.71 -2.45 26.67
CA GLU A 87 4.48 -3.23 25.46
C GLU A 87 4.66 -2.36 24.24
N SER A 88 5.08 -2.96 23.14
CA SER A 88 5.32 -2.20 21.92
C SER A 88 4.12 -2.27 20.98
N GLY A 89 3.26 -3.27 21.17
CA GLY A 89 2.17 -3.54 20.20
C GLY A 89 2.60 -4.50 19.09
N LEU A 90 3.87 -4.90 19.09
CA LEU A 90 4.43 -5.92 18.17
C LEU A 90 4.89 -7.12 18.99
N LYS A 91 4.81 -8.31 18.40
CA LYS A 91 5.13 -9.56 19.10
C LYS A 91 6.64 -9.67 19.32
N GLY A 92 7.03 -9.90 20.58
CA GLY A 92 8.42 -10.13 20.96
C GLY A 92 9.23 -8.85 21.03
N VAL A 93 8.54 -7.70 21.02
CA VAL A 93 9.24 -6.40 21.10
C VAL A 93 8.67 -5.63 22.28
N VAL A 94 9.55 -5.05 23.08
CA VAL A 94 9.12 -4.18 24.20
C VAL A 94 9.75 -2.81 24.05
N ASN A 95 9.15 -1.81 24.71
CA ASN A 95 9.73 -0.48 24.67
C ASN A 95 10.27 -0.10 26.05
N ARG A 96 11.33 0.72 26.03
CA ARG A 96 11.73 1.48 27.22
C ARG A 96 11.45 2.93 26.95
N ASN A 97 10.56 3.52 27.77
CA ASN A 97 10.33 4.94 27.75
C ASN A 97 11.27 5.62 28.74
N VAL A 98 11.91 6.71 28.32
CA VAL A 98 12.87 7.49 29.18
C VAL A 98 12.26 8.79 29.68
N THR A 99 12.26 8.93 31.01
CA THR A 99 11.81 10.10 31.70
C THR A 99 13.04 10.87 32.21
N LYS A 100 12.98 12.19 32.05
CA LYS A 100 13.97 13.12 32.57
C LYS A 100 13.27 14.11 33.51
N GLN A 101 13.78 14.26 34.71
CA GLN A 101 13.20 15.19 35.66
C GLN A 101 14.26 16.11 36.13
N ILE A 102 13.98 17.42 36.10
CA ILE A 102 14.89 18.42 36.54
C ILE A 102 14.31 19.16 37.74
N TYR A 103 15.05 19.19 38.84
CA TYR A 103 14.72 19.99 40.00
C TYR A 103 15.60 21.23 40.06
N ASP A 104 14.95 22.34 40.34
CA ASP A 104 15.66 23.61 40.61
C ASP A 104 15.56 23.81 42.12
N ILE A 110 11.60 24.44 46.06
CA ILE A 110 11.72 23.27 45.17
C ILE A 110 10.76 23.33 43.97
N GLU A 111 11.31 23.70 42.81
CA GLU A 111 10.55 23.61 41.55
C GLU A 111 11.02 22.34 40.84
N GLU A 112 10.13 21.71 40.09
CA GLU A 112 10.54 20.58 39.26
C GLU A 112 9.75 20.55 37.96
N THR A 113 10.36 19.98 36.94
CA THR A 113 9.70 19.70 35.65
C THR A 113 10.14 18.36 35.18
N GLU A 114 9.19 17.58 34.68
CA GLU A 114 9.56 16.28 34.11
C GLU A 114 9.08 16.21 32.70
N LYS A 115 9.81 15.46 31.90
CA LYS A 115 9.39 14.92 30.64
C LYS A 115 9.26 13.35 30.63
N THR A 116 8.06 12.77 30.47
CA THR A 116 7.93 11.29 30.17
C THR A 116 8.14 11.07 28.67
N SER A 117 8.56 9.86 28.28
CA SER A 117 9.06 9.63 26.94
C SER A 117 9.82 10.86 26.37
N LEU A 118 10.82 11.35 27.13
CA LEU A 118 11.87 12.20 26.56
C LEU A 118 12.37 11.50 25.32
N GLY A 119 12.41 10.17 25.41
CA GLY A 119 12.79 9.30 24.31
C GLY A 119 12.23 7.91 24.51
N LYS A 120 12.38 7.06 23.49
CA LYS A 120 11.97 5.67 23.59
C LYS A 120 12.88 4.77 22.78
N VAL A 121 13.14 3.57 23.29
CA VAL A 121 13.85 2.57 22.50
C VAL A 121 13.02 1.32 22.42
N HIS A 122 13.05 0.67 21.27
CA HIS A 122 12.36 -0.61 21.09
C HIS A 122 13.43 -1.69 21.22
N LEU A 123 13.03 -2.80 21.83
CA LEU A 123 13.94 -3.83 22.25
C LEU A 123 13.34 -5.19 22.05
N THR A 124 14.19 -6.16 21.75
CA THR A 124 13.83 -7.55 21.86
C THR A 124 13.69 -7.84 23.37
N GLU A 125 13.01 -8.96 23.69
CA GLU A 125 12.81 -9.31 25.09
C GLU A 125 14.13 -9.49 25.84
N ASP A 126 15.21 -9.82 25.12
CA ASP A 126 16.51 -10.04 25.77
C ASP A 126 17.36 -8.78 25.73
N GLY A 127 16.73 -7.65 25.43
CA GLY A 127 17.41 -6.36 25.61
C GLY A 127 18.30 -5.88 24.47
N GLN A 128 18.06 -6.36 23.24
CA GLN A 128 18.86 -5.93 22.08
C GLN A 128 18.05 -4.96 21.21
N PRO A 129 18.70 -4.07 20.45
CA PRO A 129 17.97 -3.04 19.70
C PRO A 129 17.00 -3.63 18.63
N PHE A 130 15.77 -3.10 18.59
CA PHE A 130 14.83 -3.40 17.48
C PHE A 130 14.54 -2.13 16.69
N THR A 131 14.76 -2.12 15.37
CA THR A 131 14.58 -0.88 14.61
C THR A 131 13.49 -1.05 13.52
N LEU A 132 12.96 0.07 13.03
CA LEU A 132 11.76 0.06 12.18
C LEU A 132 11.88 -0.84 10.95
N ASP A 133 13.09 -0.92 10.41
CA ASP A 133 13.36 -1.73 9.21
C ASP A 133 13.11 -3.22 9.43
N GLN A 134 13.27 -3.69 10.67
CA GLN A 134 13.06 -5.11 11.02
C GLN A 134 11.61 -5.51 10.93
N LEU A 135 10.73 -4.54 10.82
CA LEU A 135 9.31 -4.81 10.73
C LEU A 135 8.91 -5.32 9.34
N PHE A 136 9.80 -5.10 8.41
CA PHE A 136 9.50 -5.36 7.01
C PHE A 136 10.39 -6.43 6.39
N SER A 137 9.80 -7.21 5.49
CA SER A 137 10.55 -8.16 4.66
C SER A 137 11.41 -7.42 3.63
N ASP A 138 10.95 -6.24 3.20
CA ASP A 138 11.63 -5.41 2.21
C ASP A 138 11.77 -3.97 2.69
N ALA A 139 12.88 -3.66 3.36
CA ALA A 139 13.08 -2.33 3.94
C ALA A 139 13.04 -1.22 2.88
N SER A 140 13.64 -1.50 1.71
CA SER A 140 13.74 -0.51 0.65
C SER A 140 12.36 -0.10 0.12
N LYS A 141 11.54 -1.11 -0.18
CA LYS A 141 10.19 -0.87 -0.67
C LYS A 141 9.31 -0.23 0.40
N ALA A 142 9.47 -0.68 1.65
CA ALA A 142 8.73 -0.14 2.77
C ALA A 142 8.98 1.36 2.97
N LYS A 143 10.25 1.77 2.98
CA LYS A 143 10.57 3.20 3.07
C LYS A 143 9.85 3.95 1.95
N GLU A 144 9.96 3.43 0.73
CA GLU A 144 9.24 3.95 -0.42
C GLU A 144 7.73 4.08 -0.16
N GLN A 145 7.10 3.01 0.32
CA GLN A 145 5.68 3.02 0.67
C GLN A 145 5.37 3.98 1.84
N LEU A 146 6.28 4.06 2.80
CA LEU A 146 6.13 4.94 3.96
C LEU A 146 6.19 6.42 3.58
N ILE A 147 7.18 6.79 2.78
CA ILE A 147 7.31 8.16 2.28
C ILE A 147 6.11 8.57 1.41
N LYS A 148 5.62 7.65 0.58
CA LYS A 148 4.41 7.86 -0.21
C LYS A 148 3.19 8.14 0.66
N GLU A 149 2.88 7.23 1.58
CA GLU A 149 1.73 7.40 2.48
C GLU A 149 1.95 8.61 3.40
N LEU A 150 3.22 8.84 3.76
CA LEU A 150 3.64 9.99 4.57
C LEU A 150 3.35 11.32 3.90
N THR A 151 3.71 11.44 2.62
CA THR A 151 3.48 12.67 1.86
C THR A 151 1.99 12.91 1.59
N SER A 152 1.25 11.83 1.36
CA SER A 152 -0.23 11.88 1.23
C SER A 152 -0.89 12.43 2.49
N PHE A 153 -0.31 12.10 3.65
CA PHE A 153 -0.71 12.67 4.94
C PHE A 153 -0.25 14.13 4.97
N ASP A 175 18.22 6.99 7.32
CA ASP A 175 18.01 5.56 7.19
C ASP A 175 16.77 5.13 7.96
N LEU A 176 16.07 4.14 7.43
CA LEU A 176 14.84 3.63 8.00
C LEU A 176 15.03 3.13 9.45
N SER A 177 16.15 2.48 9.70
CA SER A 177 16.54 2.06 11.04
C SER A 177 16.57 3.21 12.06
N ALA A 178 16.85 4.42 11.59
CA ALA A 178 16.98 5.59 12.49
C ALA A 178 15.67 6.36 12.69
N TRP A 179 14.61 5.92 12.01
CA TRP A 179 13.29 6.55 12.14
C TRP A 179 12.69 6.32 13.53
N ASN A 180 12.21 7.39 14.14
CA ASN A 180 11.50 7.33 15.42
C ASN A 180 10.07 6.89 15.15
N PHE A 181 9.63 5.86 15.86
CA PHE A 181 8.31 5.35 15.62
C PHE A 181 7.65 4.75 16.84
N ASP A 182 6.34 4.59 16.72
CA ASP A 182 5.56 3.81 17.66
C ASP A 182 4.60 2.95 16.86
N TYR A 183 3.98 2.01 17.55
CA TYR A 183 3.00 1.16 16.92
C TYR A 183 1.79 1.09 17.86
N LYS A 184 0.60 1.38 17.35
CA LYS A 184 -0.62 1.24 18.19
C LYS A 184 -1.90 1.24 17.38
N ASP A 185 -2.85 0.41 17.81
CA ASP A 185 -4.19 0.37 17.21
C ASP A 185 -4.04 0.20 15.70
N SER A 186 -3.19 -0.74 15.29
CA SER A 186 -3.06 -1.11 13.87
C SER A 186 -2.51 0.03 12.99
N GLN A 187 -1.73 0.91 13.59
CA GLN A 187 -1.15 2.02 12.88
C GLN A 187 0.33 2.14 13.20
N ILE A 188 1.11 2.51 12.20
CA ILE A 188 2.50 2.89 12.42
C ILE A 188 2.50 4.39 12.68
N ILE A 189 3.12 4.79 13.78
CA ILE A 189 3.17 6.20 14.19
C ILE A 189 4.58 6.74 13.95
N LEU A 190 4.69 7.80 13.15
CA LEU A 190 5.99 8.39 12.82
C LEU A 190 6.19 9.72 13.51
N TYR A 191 7.39 9.93 14.05
CA TYR A 191 7.75 11.18 14.71
C TYR A 191 8.91 11.87 13.97
N GLU A 201 3.14 14.07 15.25
CA GLU A 201 3.29 12.70 14.77
C GLU A 201 2.42 12.43 13.56
N ILE A 202 2.67 11.27 12.93
CA ILE A 202 1.91 10.84 11.75
C ILE A 202 1.47 9.39 11.95
N ALA A 203 0.17 9.14 11.82
CA ALA A 203 -0.39 7.81 12.03
C ALA A 203 -0.84 7.23 10.71
N LEU A 204 -0.28 6.07 10.36
CA LEU A 204 -0.51 5.44 9.06
C LEU A 204 -1.06 4.03 9.30
N PRO A 205 -2.20 3.68 8.68
CA PRO A 205 -2.70 2.32 8.83
C PRO A 205 -1.66 1.26 8.41
N VAL A 206 -1.48 0.24 9.25
CA VAL A 206 -0.52 -0.84 8.96
C VAL A 206 -0.91 -1.67 7.73
N SER A 207 -2.23 -1.69 7.45
CA SER A 207 -2.77 -2.40 6.29
C SER A 207 -2.17 -1.94 4.99
N ALA A 208 -1.84 -0.66 4.87
CA ALA A 208 -1.17 -0.12 3.66
C ALA A 208 0.19 -0.78 3.33
N PHE A 209 0.81 -1.40 4.34
CA PHE A 209 2.14 -1.98 4.15
C PHE A 209 2.19 -3.49 4.19
N PHE A 210 1.02 -4.14 4.13
CA PHE A 210 0.97 -5.59 4.24
C PHE A 210 1.77 -6.30 3.13
N ASP A 211 1.91 -5.63 1.98
CA ASP A 211 2.72 -6.13 0.89
C ASP A 211 4.19 -6.34 1.27
N VAL A 212 4.66 -5.59 2.27
CA VAL A 212 6.08 -5.64 2.63
C VAL A 212 6.31 -5.91 4.12
N ILE A 213 5.24 -6.25 4.85
CA ILE A 213 5.35 -6.46 6.32
C ILE A 213 5.91 -7.84 6.68
N GLN A 214 6.72 -7.91 7.74
CA GLN A 214 7.12 -9.19 8.31
C GLN A 214 5.97 -9.57 9.29
N SER A 215 5.02 -10.37 8.84
CA SER A 215 3.77 -10.66 9.59
C SER A 215 3.98 -11.37 10.92
N SER A 216 5.12 -12.03 11.13
CA SER A 216 5.41 -12.71 12.39
C SER A 216 5.43 -11.75 13.60
N TYR A 217 5.62 -10.47 13.33
CA TYR A 217 5.63 -9.46 14.43
C TYR A 217 4.24 -8.96 14.78
N LEU A 218 3.21 -9.45 14.10
CA LEU A 218 1.86 -8.96 14.40
C LEU A 218 1.26 -9.73 15.56
N LEU A 219 0.67 -9.01 16.53
CA LEU A 219 -0.14 -9.63 17.56
C LEU A 219 -1.49 -10.07 17.01
N GLU A 220 -2.36 -10.61 17.84
CA GLU A 220 -3.48 -11.40 17.37
C GLU A 220 -4.42 -10.65 16.43
N LYS A 221 -4.72 -9.40 16.74
CA LYS A 221 -5.73 -8.70 15.97
C LYS A 221 -5.14 -8.40 14.59
N ASP A 222 -3.93 -7.84 14.57
CA ASP A 222 -3.24 -7.56 13.33
C ASP A 222 -2.92 -8.81 12.52
N ALA A 223 -2.66 -9.94 13.17
CA ALA A 223 -2.34 -11.19 12.46
C ALA A 223 -3.60 -11.67 11.75
N ALA A 224 -4.79 -11.48 12.35
CA ALA A 224 -6.04 -11.84 11.66
C ALA A 224 -6.28 -10.89 10.48
N LEU A 225 -5.96 -9.61 10.63
CA LEU A 225 -6.10 -8.69 9.49
C LEU A 225 -5.15 -9.12 8.37
N TYR A 226 -3.91 -9.46 8.70
CA TYR A 226 -2.97 -9.91 7.67
C TYR A 226 -3.46 -11.21 7.01
N GLN A 227 -3.97 -12.16 7.79
CA GLN A 227 -4.48 -13.40 7.23
C GLN A 227 -5.56 -13.11 6.19
N SER A 228 -6.50 -12.23 6.54
CA SER A 228 -7.56 -11.84 5.59
C SER A 228 -7.00 -11.21 4.30
N TYR A 229 -6.02 -10.32 4.48
CA TYR A 229 -5.31 -9.71 3.37
C TYR A 229 -4.68 -10.79 2.50
N PHE A 230 -4.01 -11.76 3.12
CA PHE A 230 -3.28 -12.79 2.38
C PHE A 230 -4.28 -13.66 1.62
N ASP A 231 -5.40 -14.02 2.25
CA ASP A 231 -6.39 -14.85 1.57
C ASP A 231 -7.01 -14.15 0.37
N LYS A 232 -7.25 -12.85 0.55
CA LYS A 232 -7.78 -12.10 -0.56
C LYS A 232 -6.75 -11.98 -1.69
N LYS A 233 -5.48 -11.75 -1.32
CA LYS A 233 -4.41 -11.67 -2.30
C LYS A 233 -4.29 -12.96 -3.13
N HIS A 234 -4.56 -14.08 -2.50
CA HIS A 234 -4.44 -15.38 -3.17
C HIS A 234 -5.73 -15.92 -3.75
N GLN A 235 -6.74 -15.05 -3.85
CA GLN A 235 -7.96 -15.43 -4.57
C GLN A 235 -7.59 -15.41 -6.08
N LYS A 236 -7.94 -16.48 -6.79
CA LYS A 236 -7.44 -16.72 -8.15
C LYS A 236 -8.44 -16.18 -9.13
N VAL A 237 -8.39 -14.85 -9.29
CA VAL A 237 -9.28 -14.20 -10.25
C VAL A 237 -8.45 -13.57 -11.37
N VAL A 238 -9.06 -13.43 -12.55
CA VAL A 238 -8.39 -12.80 -13.69
C VAL A 238 -9.47 -12.04 -14.45
N ALA A 239 -9.11 -10.88 -15.00
CA ALA A 239 -10.03 -10.06 -15.84
C ALA A 239 -9.51 -10.07 -17.27
N LEU A 240 -10.26 -10.66 -18.18
CA LEU A 240 -9.95 -10.58 -19.59
C LEU A 240 -10.49 -9.26 -20.12
N THR A 241 -9.64 -8.55 -20.88
CA THR A 241 -10.09 -7.26 -21.42
C THR A 241 -9.72 -7.15 -22.88
N PHE A 242 -10.56 -6.44 -23.65
CA PHE A 242 -10.38 -6.38 -25.11
C PHE A 242 -10.44 -4.94 -25.55
N ASN A 243 -9.37 -4.49 -26.25
CA ASN A 243 -9.33 -3.13 -26.77
C ASN A 243 -9.68 -3.03 -28.25
N ASP A 244 -10.22 -1.87 -28.63
CA ASP A 244 -10.21 -1.34 -30.00
C ASP A 244 -11.46 -1.64 -30.78
N GLY A 245 -12.42 -2.36 -30.20
CA GLY A 245 -13.64 -2.66 -30.92
C GLY A 245 -14.68 -1.57 -30.81
N PRO A 246 -15.92 -1.89 -31.12
CA PRO A 246 -16.33 -3.18 -31.65
C PRO A 246 -15.82 -3.36 -33.08
N ASN A 247 -15.70 -4.62 -33.49
CA ASN A 247 -15.31 -4.95 -34.87
C ASN A 247 -16.33 -5.97 -35.37
N PRO A 248 -17.17 -5.58 -36.35
CA PRO A 248 -18.22 -6.53 -36.77
C PRO A 248 -17.69 -7.86 -37.32
N ALA A 249 -16.43 -7.92 -37.72
CA ALA A 249 -15.89 -9.15 -38.31
C ALA A 249 -15.28 -10.10 -37.27
N THR A 250 -15.14 -9.67 -35.99
CA THR A 250 -14.47 -10.51 -34.99
C THR A 250 -15.19 -10.47 -33.64
N THR A 251 -15.75 -9.33 -33.25
CA THR A 251 -16.38 -9.22 -31.92
C THR A 251 -17.51 -10.23 -31.73
N PRO A 252 -18.36 -10.45 -32.77
CA PRO A 252 -19.40 -11.46 -32.56
C PRO A 252 -18.83 -12.84 -32.20
N GLN A 253 -17.72 -13.26 -32.81
CA GLN A 253 -17.16 -14.59 -32.47
C GLN A 253 -16.60 -14.56 -31.04
N VAL A 254 -15.96 -13.45 -30.65
CA VAL A 254 -15.47 -13.37 -29.27
C VAL A 254 -16.66 -13.52 -28.28
N LEU A 255 -17.77 -12.84 -28.57
CA LEU A 255 -18.96 -12.93 -27.71
C LEU A 255 -19.46 -14.38 -27.67
N GLU A 256 -19.53 -15.05 -28.84
CA GLU A 256 -20.03 -16.40 -28.84
C GLU A 256 -19.11 -17.28 -27.96
N THR A 257 -17.80 -17.10 -28.09
CA THR A 257 -16.89 -17.92 -27.33
C THR A 257 -17.02 -17.63 -25.82
N LEU A 258 -17.08 -16.36 -25.43
CA LEU A 258 -17.24 -16.08 -23.98
C LEU A 258 -18.51 -16.71 -23.44
N ALA A 259 -19.60 -16.64 -24.24
CA ALA A 259 -20.85 -17.25 -23.78
C ALA A 259 -20.71 -18.78 -23.65
N LYS A 260 -20.00 -19.40 -24.60
CA LYS A 260 -19.82 -20.85 -24.56
C LYS A 260 -19.15 -21.26 -23.27
N TYR A 261 -18.16 -20.48 -22.84
CA TYR A 261 -17.35 -20.84 -21.68
C TYR A 261 -17.87 -20.22 -20.38
N ASP A 262 -19.05 -19.58 -20.46
CA ASP A 262 -19.73 -19.12 -19.25
C ASP A 262 -18.86 -18.09 -18.50
N ILE A 263 -18.24 -17.16 -19.24
CA ILE A 263 -17.42 -16.12 -18.62
C ILE A 263 -17.75 -14.77 -19.21
N LYS A 264 -17.37 -13.75 -18.46
CA LYS A 264 -17.58 -12.34 -18.88
C LYS A 264 -16.24 -11.66 -19.10
N ALA A 265 -16.28 -10.55 -19.83
CA ALA A 265 -15.10 -9.78 -20.05
C ALA A 265 -15.43 -8.29 -20.06
N THR A 266 -14.40 -7.47 -20.24
CA THR A 266 -14.57 -6.04 -20.27
C THR A 266 -13.98 -5.55 -21.59
N PHE A 267 -14.78 -4.77 -22.33
CA PHE A 267 -14.43 -4.30 -23.69
C PHE A 267 -14.22 -2.81 -23.65
N PHE A 268 -13.00 -2.36 -23.97
CA PHE A 268 -12.68 -0.93 -24.05
C PHE A 268 -12.79 -0.53 -25.51
N VAL A 269 -13.89 0.14 -25.82
CA VAL A 269 -14.25 0.40 -27.20
C VAL A 269 -13.89 1.81 -27.64
N LEU A 270 -13.66 1.97 -28.94
CA LEU A 270 -13.42 3.29 -29.52
C LEU A 270 -14.71 3.97 -29.91
N GLY A 271 -14.84 5.22 -29.53
CA GLY A 271 -16.06 5.99 -29.86
C GLY A 271 -16.33 5.98 -31.35
N LYS A 272 -15.28 6.11 -32.17
CA LYS A 272 -15.45 6.21 -33.62
C LYS A 272 -16.02 4.91 -34.18
N ASN A 273 -15.89 3.77 -33.44
CA ASN A 273 -16.36 2.48 -33.95
C ASN A 273 -17.76 2.17 -33.55
N VAL A 274 -18.41 3.07 -32.80
CA VAL A 274 -19.77 2.84 -32.35
C VAL A 274 -20.80 3.06 -33.44
N SER A 275 -20.59 4.10 -34.28
CA SER A 275 -21.56 4.40 -35.35
C SER A 275 -21.65 3.21 -36.32
N GLY A 276 -22.88 2.77 -36.60
CA GLY A 276 -23.06 1.62 -37.46
C GLY A 276 -22.92 0.31 -36.75
N ASN A 277 -22.41 0.33 -35.51
CA ASN A 277 -22.27 -0.88 -34.71
C ASN A 277 -23.04 -0.80 -33.42
N GLU A 278 -24.10 0.02 -33.40
CA GLU A 278 -24.84 0.21 -32.14
C GLU A 278 -25.46 -1.07 -31.62
N ASP A 279 -26.02 -1.88 -32.50
CA ASP A 279 -26.65 -3.12 -32.03
C ASP A 279 -25.61 -4.09 -31.48
N LEU A 280 -24.41 -4.08 -32.04
CA LEU A 280 -23.32 -4.91 -31.56
C LEU A 280 -22.89 -4.44 -30.16
N VAL A 281 -22.76 -3.11 -29.99
CA VAL A 281 -22.42 -2.61 -28.67
C VAL A 281 -23.49 -2.96 -27.65
N LYS A 282 -24.76 -2.81 -28.04
CA LYS A 282 -25.81 -3.24 -27.12
C LYS A 282 -25.72 -4.74 -26.81
N ARG A 283 -25.33 -5.55 -27.79
CA ARG A 283 -25.20 -6.99 -27.61
C ARG A 283 -24.09 -7.30 -26.57
N ILE A 284 -22.98 -6.55 -26.62
CA ILE A 284 -21.91 -6.76 -25.62
C ILE A 284 -22.47 -6.62 -24.20
N LYS A 285 -23.25 -5.56 -23.98
CA LYS A 285 -23.81 -5.32 -22.69
C LYS A 285 -24.93 -6.33 -22.34
N SER A 286 -25.78 -6.68 -23.31
CA SER A 286 -26.87 -7.64 -23.11
C SER A 286 -26.37 -9.01 -22.70
N GLU A 287 -25.16 -9.36 -23.09
CA GLU A 287 -24.59 -10.65 -22.76
C GLU A 287 -23.76 -10.59 -21.47
N GLY A 288 -23.87 -9.50 -20.70
CA GLY A 288 -23.36 -9.46 -19.36
C GLY A 288 -21.96 -8.91 -19.20
N HIS A 289 -21.35 -8.46 -20.30
CA HIS A 289 -19.99 -7.92 -20.25
C HIS A 289 -20.05 -6.46 -19.84
N VAL A 290 -18.91 -5.89 -19.56
CA VAL A 290 -18.78 -4.48 -19.21
C VAL A 290 -18.14 -3.74 -20.39
N VAL A 291 -18.69 -2.55 -20.69
CA VAL A 291 -18.17 -1.72 -21.75
C VAL A 291 -17.46 -0.51 -21.15
N GLY A 292 -16.21 -0.29 -21.55
CA GLY A 292 -15.47 0.89 -21.11
C GLY A 292 -15.06 1.73 -22.33
N ASN A 293 -14.40 2.83 -22.01
CA ASN A 293 -14.08 3.90 -22.95
C ASN A 293 -12.60 3.83 -23.35
N HIS A 294 -12.32 3.78 -24.64
CA HIS A 294 -10.93 3.68 -25.12
C HIS A 294 -10.53 4.90 -25.96
N SER A 295 -11.21 6.04 -25.73
CA SER A 295 -11.07 7.28 -26.51
C SER A 295 -11.93 7.21 -27.75
N TRP A 296 -12.02 8.33 -28.46
CA TRP A 296 -12.79 8.38 -29.70
C TRP A 296 -12.05 7.72 -30.87
N SER A 297 -10.82 8.18 -31.11
CA SER A 297 -10.12 7.80 -32.33
C SER A 297 -8.70 7.34 -32.08
N HIS A 298 -8.39 6.92 -30.86
CA HIS A 298 -7.11 6.25 -30.57
C HIS A 298 -5.85 7.14 -30.71
N PRO A 299 -5.90 8.44 -30.34
CA PRO A 299 -4.66 9.22 -30.35
C PRO A 299 -3.83 8.88 -29.11
N ILE A 300 -2.61 9.38 -29.06
CA ILE A 300 -1.82 9.44 -27.85
C ILE A 300 -2.38 10.62 -27.06
N LEU A 301 -3.19 10.34 -26.04
CA LEU A 301 -3.96 11.40 -25.38
C LEU A 301 -3.03 12.40 -24.69
N SER A 302 -1.90 11.93 -24.16
CA SER A 302 -0.99 12.82 -23.45
C SER A 302 -0.29 13.82 -24.38
N GLN A 303 -0.37 13.63 -25.69
CA GLN A 303 0.22 14.56 -26.66
C GLN A 303 -0.79 15.52 -27.25
N LEU A 304 -2.04 15.50 -26.78
CA LEU A 304 -3.05 16.50 -27.14
C LEU A 304 -3.11 17.56 -26.03
N SER A 305 -3.71 18.71 -26.31
CA SER A 305 -4.01 19.64 -25.25
C SER A 305 -5.01 19.01 -24.27
N LEU A 306 -5.05 19.59 -23.07
CA LEU A 306 -5.92 19.05 -22.04
C LEU A 306 -7.38 18.97 -22.48
N ASP A 307 -7.91 20.04 -23.09
CA ASP A 307 -9.32 19.99 -23.46
C ASP A 307 -9.59 19.06 -24.62
N GLU A 308 -8.64 18.95 -25.57
CA GLU A 308 -8.86 18.02 -26.69
C GLU A 308 -8.79 16.57 -26.20
N ALA A 309 -7.87 16.28 -25.28
CA ALA A 309 -7.82 14.94 -24.72
C ALA A 309 -9.07 14.63 -23.88
N LYS A 310 -9.51 15.56 -23.03
CA LYS A 310 -10.72 15.37 -22.27
C LYS A 310 -11.88 15.11 -23.20
N LYS A 311 -11.96 15.83 -24.31
CA LYS A 311 -13.10 15.72 -25.21
C LYS A 311 -13.08 14.39 -25.98
N GLN A 312 -11.89 13.87 -26.30
CA GLN A 312 -11.82 12.50 -26.86
C GLN A 312 -12.54 11.54 -25.93
N ILE A 313 -12.29 11.71 -24.63
CA ILE A 313 -12.91 10.85 -23.60
C ILE A 313 -14.42 11.15 -23.39
N THR A 314 -14.80 12.42 -23.23
CA THR A 314 -16.19 12.68 -22.97
C THR A 314 -17.06 12.46 -24.21
N ASP A 315 -16.52 12.67 -25.42
CA ASP A 315 -17.30 12.34 -26.61
C ASP A 315 -17.62 10.83 -26.62
N THR A 316 -16.68 10.02 -26.16
CA THR A 316 -16.90 8.59 -26.10
C THR A 316 -17.89 8.24 -24.96
N GLU A 317 -17.78 8.90 -23.79
CA GLU A 317 -18.82 8.71 -22.75
C GLU A 317 -20.18 9.04 -23.30
N ASP A 318 -20.25 10.12 -24.08
CA ASP A 318 -21.56 10.54 -24.60
C ASP A 318 -22.18 9.50 -25.51
N VAL A 319 -21.41 8.95 -26.44
CA VAL A 319 -21.99 8.00 -27.39
C VAL A 319 -22.35 6.70 -26.66
N LEU A 320 -21.50 6.30 -25.70
CA LEU A 320 -21.80 5.05 -24.95
C LEU A 320 -23.06 5.25 -24.10
N THR A 321 -23.22 6.41 -23.47
CA THR A 321 -24.42 6.65 -22.69
C THR A 321 -25.66 6.74 -23.59
N LYS A 322 -25.50 7.33 -24.78
CA LYS A 322 -26.61 7.39 -25.71
C LYS A 322 -27.08 5.96 -26.12
N VAL A 323 -26.13 5.07 -26.44
CA VAL A 323 -26.48 3.77 -26.97
C VAL A 323 -26.92 2.82 -25.82
N LEU A 324 -26.18 2.82 -24.71
CA LEU A 324 -26.40 1.86 -23.63
C LEU A 324 -27.24 2.36 -22.48
N GLY A 325 -27.35 3.68 -22.36
CA GLY A 325 -28.13 4.26 -21.27
C GLY A 325 -27.29 4.57 -20.04
N SER A 326 -26.05 4.10 -19.97
CA SER A 326 -25.26 4.20 -18.76
C SER A 326 -23.81 4.12 -19.20
N SER A 327 -22.94 4.55 -18.31
CA SER A 327 -21.50 4.35 -18.44
C SER A 327 -20.97 3.60 -17.23
N SER A 328 -19.98 2.74 -17.46
CA SER A 328 -19.27 2.07 -16.36
C SER A 328 -18.26 2.98 -15.70
N LYS A 329 -17.99 4.13 -16.34
CA LYS A 329 -17.01 5.10 -15.82
C LYS A 329 -15.59 4.54 -15.80
N LEU A 330 -15.33 3.58 -16.68
CA LEU A 330 -14.00 3.01 -16.83
C LEU A 330 -13.39 3.52 -18.13
N MET A 331 -12.13 3.91 -18.08
CA MET A 331 -11.46 4.46 -19.24
C MET A 331 -10.07 3.85 -19.37
N ARG A 332 -9.73 3.32 -20.54
CA ARG A 332 -8.38 2.83 -20.77
C ARG A 332 -7.69 3.70 -21.83
N PRO A 333 -6.66 4.45 -21.45
CA PRO A 333 -5.90 5.25 -22.44
C PRO A 333 -5.21 4.42 -23.51
N PRO A 334 -5.39 4.76 -24.80
CA PRO A 334 -4.55 4.18 -25.87
C PRO A 334 -3.08 4.25 -25.50
N TYR A 335 -2.38 3.15 -25.71
CA TYR A 335 -0.94 3.07 -25.51
C TYR A 335 -0.57 3.20 -24.02
N GLY A 336 -1.56 3.27 -23.12
CA GLY A 336 -1.26 3.52 -21.72
C GLY A 336 -0.82 4.96 -21.46
N ALA A 337 -1.07 5.88 -22.41
CA ALA A 337 -0.54 7.24 -22.36
C ALA A 337 -1.56 8.18 -21.80
N ILE A 338 -1.25 8.77 -20.66
CA ILE A 338 -2.20 9.64 -19.98
C ILE A 338 -1.40 10.65 -19.13
N THR A 339 -2.02 11.74 -18.70
CA THR A 339 -1.35 12.67 -17.78
C THR A 339 -2.17 12.80 -16.52
N ASP A 340 -1.52 13.33 -15.47
CA ASP A 340 -2.24 13.60 -14.24
C ASP A 340 -3.39 14.60 -14.46
N ASP A 341 -3.14 15.65 -15.27
CA ASP A 341 -4.18 16.68 -15.47
C ASP A 341 -5.41 16.10 -16.13
N ILE A 342 -5.21 15.20 -17.11
CA ILE A 342 -6.36 14.59 -17.78
C ILE A 342 -7.13 13.74 -16.75
N ARG A 343 -6.39 12.91 -15.99
CA ARG A 343 -7.07 12.05 -15.01
C ARG A 343 -7.87 12.81 -13.97
N ASN A 344 -7.27 13.90 -13.47
CA ASN A 344 -7.87 14.68 -12.42
C ASN A 344 -9.04 15.53 -12.91
N SER A 345 -9.19 15.65 -14.24
CA SER A 345 -10.28 16.44 -14.81
C SER A 345 -11.56 15.69 -15.01
N LEU A 346 -11.55 14.36 -14.85
CA LEU A 346 -12.69 13.55 -15.27
C LEU A 346 -13.10 12.60 -14.17
N ASP A 347 -14.41 12.36 -14.09
CA ASP A 347 -14.99 11.50 -13.07
C ASP A 347 -15.00 10.05 -13.60
N LEU A 348 -13.79 9.48 -13.75
CA LEU A 348 -13.59 8.15 -14.37
C LEU A 348 -12.46 7.46 -13.67
N SER A 349 -12.46 6.12 -13.72
CA SER A 349 -11.31 5.36 -13.25
C SER A 349 -10.52 4.88 -14.46
N PHE A 350 -9.19 4.96 -14.36
CA PHE A 350 -8.32 4.70 -15.51
C PHE A 350 -7.74 3.30 -15.36
N ILE A 351 -8.11 2.42 -16.28
CA ILE A 351 -7.78 1.00 -16.18
C ILE A 351 -6.71 0.59 -17.16
N MET A 352 -5.53 0.30 -16.60
CA MET A 352 -4.43 -0.17 -17.39
C MET A 352 -4.46 -1.70 -17.36
N TRP A 353 -3.31 -2.36 -17.26
CA TRP A 353 -3.25 -3.84 -17.29
C TRP A 353 -1.91 -4.23 -16.71
N ASP A 354 -1.74 -5.52 -16.36
CA ASP A 354 -0.44 -6.02 -15.94
C ASP A 354 0.04 -7.18 -16.80
N VAL A 355 -0.84 -7.74 -17.65
CA VAL A 355 -0.47 -8.83 -18.55
C VAL A 355 -0.80 -8.47 -19.97
N ASP A 356 0.22 -8.27 -20.79
CA ASP A 356 -0.01 -8.00 -22.21
C ASP A 356 0.06 -9.36 -22.94
N SER A 357 -1.05 -9.80 -23.53
CA SER A 357 -1.04 -11.07 -24.29
C SER A 357 -0.11 -11.04 -25.48
N LEU A 358 0.29 -9.83 -25.89
CA LEU A 358 1.13 -9.62 -27.11
C LEU A 358 0.44 -10.12 -28.37
N ASP A 359 -0.90 -10.23 -28.33
CA ASP A 359 -1.63 -10.67 -29.51
C ASP A 359 -1.37 -9.80 -30.73
N TRP A 360 -1.23 -8.51 -30.48
CA TRP A 360 -0.97 -7.48 -31.47
C TRP A 360 0.40 -7.63 -32.13
N LYS A 361 1.31 -8.23 -31.42
CA LYS A 361 2.70 -8.31 -31.89
C LYS A 361 2.92 -9.69 -32.52
N SER A 362 2.58 -10.76 -31.80
CA SER A 362 2.91 -12.10 -32.28
C SER A 362 1.98 -12.59 -33.36
N LYS A 363 0.71 -12.18 -33.30
CA LYS A 363 -0.31 -12.59 -34.26
C LYS A 363 -0.29 -14.10 -34.42
N ASN A 364 -0.13 -14.80 -33.30
CA ASN A 364 0.08 -16.23 -33.33
C ASN A 364 -0.61 -16.84 -32.13
N GLU A 365 -1.49 -17.79 -32.37
CA GLU A 365 -2.32 -18.38 -31.32
C GLU A 365 -1.49 -19.08 -30.26
N ALA A 366 -0.47 -19.84 -30.68
CA ALA A 366 0.38 -20.56 -29.71
C ALA A 366 1.18 -19.58 -28.84
N SER A 367 1.63 -18.46 -29.42
CA SER A 367 2.39 -17.45 -28.65
C SER A 367 1.47 -16.79 -27.65
N ILE A 368 0.24 -16.48 -28.07
CA ILE A 368 -0.71 -15.85 -27.15
C ILE A 368 -0.97 -16.74 -25.93
N LEU A 369 -1.22 -18.01 -26.18
CA LEU A 369 -1.39 -18.94 -25.07
C LEU A 369 -0.16 -19.00 -24.16
N THR A 370 1.04 -19.09 -24.74
CA THR A 370 2.23 -19.15 -23.90
C THR A 370 2.37 -17.89 -23.03
N GLU A 371 2.09 -16.71 -23.60
CA GLU A 371 2.20 -15.51 -22.80
C GLU A 371 1.24 -15.57 -21.64
N ILE A 372 -0.01 -16.01 -21.88
CA ILE A 372 -0.98 -16.12 -20.80
C ILE A 372 -0.49 -17.12 -19.75
N GLN A 373 0.00 -18.28 -20.21
CA GLN A 373 0.45 -19.30 -19.24
C GLN A 373 1.57 -18.80 -18.37
N HIS A 374 2.50 -18.03 -18.94
CA HIS A 374 3.67 -17.59 -18.20
C HIS A 374 3.47 -16.34 -17.37
N GLN A 375 2.53 -15.49 -17.80
CA GLN A 375 2.41 -14.16 -17.16
C GLN A 375 1.22 -14.05 -16.20
N VAL A 376 0.12 -14.73 -16.48
CA VAL A 376 -1.08 -14.49 -15.67
C VAL A 376 -0.76 -14.81 -14.21
N ALA A 377 -1.30 -13.97 -13.31
CA ALA A 377 -1.13 -14.14 -11.88
C ALA A 377 -2.48 -13.89 -11.19
N ASN A 378 -2.54 -14.16 -9.87
CA ASN A 378 -3.76 -13.76 -9.13
C ASN A 378 -4.02 -12.27 -9.33
N GLY A 379 -5.25 -11.93 -9.72
CA GLY A 379 -5.61 -10.54 -9.85
C GLY A 379 -5.20 -9.87 -11.15
N SER A 380 -4.64 -10.63 -12.12
CA SER A 380 -4.21 -9.98 -13.34
C SER A 380 -5.35 -9.40 -14.14
N ILE A 381 -4.99 -8.32 -14.86
CA ILE A 381 -5.84 -7.75 -15.90
C ILE A 381 -5.08 -7.99 -17.24
N VAL A 382 -5.69 -8.79 -18.08
CA VAL A 382 -5.08 -9.26 -19.32
C VAL A 382 -5.53 -8.39 -20.48
N LEU A 383 -4.56 -7.88 -21.24
CA LEU A 383 -4.83 -7.09 -22.43
C LEU A 383 -4.85 -7.97 -23.70
N MET A 384 -5.97 -7.92 -24.42
CA MET A 384 -6.11 -8.47 -25.77
C MET A 384 -6.76 -7.44 -26.64
N HIS A 385 -6.80 -7.72 -27.93
CA HIS A 385 -7.42 -6.81 -28.94
C HIS A 385 -8.37 -7.67 -29.74
N ASP A 386 -9.69 -7.41 -29.66
CA ASP A 386 -10.69 -8.30 -30.29
C ASP A 386 -10.94 -7.87 -31.72
N ILE A 387 -9.87 -7.57 -32.46
CA ILE A 387 -10.03 -7.02 -33.80
C ILE A 387 -9.34 -7.85 -34.87
N HIS A 388 -8.55 -8.88 -34.50
CA HIS A 388 -7.93 -9.79 -35.51
C HIS A 388 -8.08 -11.27 -35.15
N SER A 389 -7.92 -12.10 -36.15
CA SER A 389 -8.26 -13.51 -36.04
C SER A 389 -7.43 -14.38 -35.06
N PRO A 390 -6.10 -14.13 -34.95
CA PRO A 390 -5.33 -14.89 -33.98
C PRO A 390 -5.92 -14.84 -32.55
N THR A 391 -6.40 -13.66 -32.14
CA THR A 391 -6.99 -13.52 -30.81
C THR A 391 -8.29 -14.31 -30.68
N VAL A 392 -9.14 -14.20 -31.71
CA VAL A 392 -10.38 -14.93 -31.76
C VAL A 392 -10.08 -16.43 -31.64
N ASN A 393 -9.12 -16.87 -32.45
CA ASN A 393 -8.83 -18.30 -32.51
C ASN A 393 -8.19 -18.86 -31.25
N ALA A 394 -7.40 -18.02 -30.58
CA ALA A 394 -6.68 -18.45 -29.38
C ALA A 394 -7.57 -18.49 -28.14
N LEU A 395 -8.69 -17.76 -28.19
CA LEU A 395 -9.44 -17.54 -26.98
C LEU A 395 -9.90 -18.84 -26.29
N PRO A 396 -10.44 -19.82 -27.05
CA PRO A 396 -10.88 -21.06 -26.35
C PRO A 396 -9.76 -21.74 -25.55
N ARG A 397 -8.56 -21.88 -26.14
CA ARG A 397 -7.44 -22.49 -25.43
C ARG A 397 -6.99 -21.67 -24.21
N VAL A 398 -7.01 -20.35 -24.32
CA VAL A 398 -6.67 -19.48 -23.20
C VAL A 398 -7.66 -19.69 -22.06
N ILE A 399 -8.95 -19.69 -22.40
CA ILE A 399 -9.95 -19.86 -21.35
C ILE A 399 -9.83 -21.24 -20.71
N GLU A 400 -9.74 -22.28 -21.54
CA GLU A 400 -9.58 -23.63 -20.96
C GLU A 400 -8.36 -23.72 -20.05
N TYR A 401 -7.21 -23.17 -20.48
CA TYR A 401 -6.03 -23.24 -19.63
C TYR A 401 -6.29 -22.60 -18.27
N LEU A 402 -6.81 -21.37 -18.29
CA LEU A 402 -6.97 -20.67 -17.03
C LEU A 402 -8.03 -21.32 -16.15
N LYS A 403 -9.12 -21.80 -16.73
CA LYS A 403 -10.09 -22.53 -15.86
C LYS A 403 -9.43 -23.80 -15.29
N ASN A 404 -8.60 -24.49 -16.10
CA ASN A 404 -7.91 -25.71 -15.57
C ASN A 404 -6.92 -25.45 -14.46
N GLN A 405 -6.44 -24.23 -14.36
CA GLN A 405 -5.61 -23.83 -13.26
C GLN A 405 -6.40 -23.29 -12.08
N GLY A 406 -7.73 -23.27 -12.18
CA GLY A 406 -8.54 -22.85 -11.05
C GLY A 406 -8.86 -21.36 -11.02
N TYR A 407 -8.65 -20.61 -12.11
CA TYR A 407 -9.03 -19.21 -12.12
C TYR A 407 -10.52 -19.03 -12.26
N THR A 408 -11.02 -17.97 -11.61
CA THR A 408 -12.33 -17.39 -11.92
C THR A 408 -12.16 -16.17 -12.80
N PHE A 409 -12.95 -16.08 -13.88
CA PHE A 409 -12.93 -14.87 -14.70
C PHE A 409 -13.89 -13.87 -14.13
N VAL A 410 -13.46 -12.59 -14.05
CA VAL A 410 -14.27 -11.51 -13.48
C VAL A 410 -14.27 -10.32 -14.44
N THR A 411 -15.28 -9.48 -14.29
CA THR A 411 -15.27 -8.20 -14.99
C THR A 411 -14.38 -7.21 -14.20
N ILE A 412 -14.07 -6.08 -14.83
CA ILE A 412 -13.29 -5.09 -14.09
C ILE A 412 -14.02 -4.56 -12.85
N PRO A 413 -15.32 -4.20 -12.95
CA PRO A 413 -16.03 -3.77 -11.73
C PRO A 413 -16.07 -4.86 -10.66
N GLU A 414 -16.27 -6.13 -11.05
CA GLU A 414 -16.22 -7.18 -10.03
C GLU A 414 -14.85 -7.26 -9.35
N MET A 415 -13.78 -7.06 -10.13
CA MET A 415 -12.44 -7.16 -9.59
C MET A 415 -12.12 -6.03 -8.63
N LEU A 416 -12.52 -4.79 -9.00
CA LEU A 416 -12.01 -3.59 -8.34
C LEU A 416 -13.05 -3.10 -7.35
N ASN A 417 -14.32 -3.19 -7.72
CA ASN A 417 -15.44 -2.98 -6.77
C ASN A 417 -15.12 -1.84 -5.81
N THR A 418 -14.76 -2.15 -4.57
CA THR A 418 -14.53 -1.14 -3.51
C THR A 418 -13.47 -0.10 -3.83
N ARG A 419 -12.38 -0.56 -4.48
CA ARG A 419 -11.20 0.25 -4.75
C ARG A 419 -11.47 1.38 -5.79
N LEU A 420 -12.51 1.26 -6.61
CA LEU A 420 -12.67 2.18 -7.76
C LEU A 420 -13.06 3.58 -7.28
N LYS A 421 -12.26 4.55 -7.72
CA LYS A 421 -12.45 5.94 -7.34
C LYS A 421 -12.15 6.80 -8.54
N ALA A 422 -12.78 7.95 -8.63
CA ALA A 422 -12.44 8.92 -9.64
C ALA A 422 -10.98 9.28 -9.67
N HIS A 423 -10.48 9.40 -10.90
CA HIS A 423 -9.14 9.94 -11.20
C HIS A 423 -8.03 8.94 -11.10
N GLU A 424 -8.28 7.84 -10.40
CA GLU A 424 -7.19 6.92 -10.04
C GLU A 424 -6.82 5.96 -11.18
N LEU A 425 -5.59 5.45 -11.12
CA LEU A 425 -5.06 4.46 -12.07
C LEU A 425 -5.04 3.08 -11.43
N TYR A 426 -5.34 2.07 -12.23
CA TYR A 426 -5.37 0.68 -11.77
C TYR A 426 -4.64 -0.20 -12.78
N TYR A 427 -3.71 -1.04 -12.30
CA TYR A 427 -2.96 -1.92 -13.19
C TYR A 427 -3.36 -3.38 -13.05
N SER A 428 -3.90 -3.72 -11.89
CA SER A 428 -4.32 -5.08 -11.57
C SER A 428 -5.33 -5.00 -10.45
N ARG A 429 -5.76 -6.15 -9.93
CA ARG A 429 -6.67 -6.05 -8.79
C ARG A 429 -6.04 -5.26 -7.65
N ASP A 430 -4.73 -5.41 -7.48
CA ASP A 430 -4.08 -4.89 -6.27
C ASP A 430 -3.17 -3.70 -6.50
N GLU A 431 -2.72 -3.50 -7.74
CA GLU A 431 -1.75 -2.42 -8.05
C GLU A 431 -2.30 -1.32 -8.92
#